data_8S8R
#
_entry.id   8S8R
#
_cell.length_a   79.321
_cell.length_b   44.206
_cell.length_c   63.460
_cell.angle_alpha   90.00
_cell.angle_beta   111.82
_cell.angle_gamma   90.00
#
_symmetry.space_group_name_H-M   'C 1 2 1'
#
loop_
_entity.id
_entity.type
_entity.pdbx_description
1 polymer 'Imidazole glycerol phosphate synthase subunit HisF'
2 non-polymer 'PHOSPHATE ION'
3 water water
#
_entity_poly.entity_id   1
_entity_poly.type   'polypeptide(L)'
_entity_poly.pdbx_seq_one_letter_code
;MLAKRIIACLDVKDGRVVKGSNAENLRDSGDPVELGKFYSEIGIDELVFLDITASVEKRKTMLELVEKVAEQIDIPFTVG
GGIHDFETASELILRGADKVSINTAAVENPSLITQIAQTFGSQAVVVAIDAKRVDGEFMVFTYSGKKNTGILLRDWVVEV
EKRGAGEILLTSIDRDGTKSGYDTEMIRFVRPLTTLPIIASGGAGKMEHFLEAFLAGADAALAASVFHFREIDVRELKEY
LKKHGVNVRLEGL
;
_entity_poly.pdbx_strand_id   D
#
loop_
_chem_comp.id
_chem_comp.type
_chem_comp.name
_chem_comp.formula
PO4 non-polymer 'PHOSPHATE ION' 'O4 P -3'
#
# COMPACT_ATOMS: atom_id res chain seq x y z
N MET A 1 -12.19 -18.53 4.55
CA MET A 1 -12.47 -17.12 4.30
C MET A 1 -11.18 -16.40 3.89
N LEU A 2 -11.34 -15.22 3.30
CA LEU A 2 -10.18 -14.52 2.76
C LEU A 2 -9.27 -14.06 3.89
N ALA A 3 -7.97 -14.11 3.64
CA ALA A 3 -7.00 -13.58 4.59
C ALA A 3 -7.22 -12.08 4.75
N LYS A 4 -6.90 -11.60 5.95
CA LYS A 4 -6.86 -10.17 6.23
C LYS A 4 -5.43 -9.84 6.61
N ARG A 5 -4.83 -8.89 5.88
CA ARG A 5 -3.39 -8.67 5.94
C ARG A 5 -3.06 -7.35 6.60
N ILE A 6 -1.93 -7.34 7.32
CA ILE A 6 -1.33 -6.13 7.89
C ILE A 6 -0.12 -5.81 7.05
N ILE A 7 -0.05 -4.60 6.49
CA ILE A 7 1.00 -4.22 5.55
C ILE A 7 1.66 -2.95 6.06
N ALA A 8 2.99 -2.93 6.05
CA ALA A 8 3.75 -1.75 6.44
C ALA A 8 4.18 -0.98 5.22
N CYS A 9 4.00 0.34 5.25
CA CYS A 9 4.44 1.22 4.17
C CYS A 9 5.74 1.88 4.60
N LEU A 10 6.80 1.62 3.83
CA LEU A 10 8.12 2.16 4.07
C LEU A 10 8.36 3.23 3.03
N ASP A 11 8.46 4.48 3.49
CA ASP A 11 8.68 5.58 2.58
C ASP A 11 10.17 5.64 2.27
N VAL A 12 10.48 5.81 0.98
CA VAL A 12 11.84 5.68 0.49
C VAL A 12 12.27 6.98 -0.16
N LYS A 13 13.51 7.36 0.09
CA LYS A 13 14.17 8.48 -0.59
C LYS A 13 15.59 8.03 -0.90
N ASP A 14 15.97 8.13 -2.16
CA ASP A 14 17.31 7.74 -2.63
C ASP A 14 17.63 6.31 -2.22
N GLY A 15 16.65 5.41 -2.34
CA GLY A 15 16.88 4.01 -2.08
C GLY A 15 17.00 3.63 -0.62
N ARG A 16 16.73 4.56 0.29
CA ARG A 16 16.79 4.28 1.72
C ARG A 16 15.48 4.68 2.38
N VAL A 17 15.13 3.97 3.44
CA VAL A 17 13.89 4.25 4.14
C VAL A 17 14.07 5.49 5.00
N VAL A 18 13.12 6.41 4.89
CA VAL A 18 13.13 7.66 5.65
C VAL A 18 13.30 7.34 7.12
N LYS A 19 14.35 7.88 7.74
CA LYS A 19 14.72 7.52 9.11
C LYS A 19 14.15 8.52 10.10
N GLY A 20 14.91 8.80 11.16
CA GLY A 20 14.46 9.73 12.18
C GLY A 20 13.54 9.14 13.22
N SER A 21 13.61 7.83 13.46
CA SER A 21 12.66 7.17 14.35
C SER A 21 13.29 6.24 15.38
N ASN A 22 14.59 5.97 15.31
CA ASN A 22 15.31 5.23 16.34
C ASN A 22 14.82 3.79 16.51
N ALA A 23 15.34 2.88 15.69
CA ALA A 23 15.17 1.45 15.92
C ALA A 23 16.45 0.95 16.58
N GLU A 24 16.58 1.27 17.87
CA GLU A 24 17.79 0.89 18.61
C GLU A 24 17.95 -0.62 18.74
N ASN A 25 16.97 -1.40 18.31
CA ASN A 25 17.12 -2.83 18.15
C ASN A 25 17.67 -3.22 16.79
N LEU A 26 17.82 -2.27 15.88
CA LEU A 26 18.36 -2.51 14.55
C LEU A 26 19.66 -1.73 14.37
N ARG A 27 20.54 -2.26 13.52
CA ARG A 27 21.80 -1.58 13.24
C ARG A 27 21.58 -0.37 12.33
N ASP A 28 20.62 -0.44 11.40
CA ASP A 28 20.37 0.67 10.48
C ASP A 28 18.93 0.57 9.98
N SER A 29 18.02 1.29 10.65
CA SER A 29 16.63 1.30 10.23
C SER A 29 16.39 2.04 8.92
N GLY A 30 17.43 2.66 8.33
CA GLY A 30 17.31 3.20 6.98
C GLY A 30 17.53 2.19 5.88
N ASP A 31 18.06 1.02 6.21
CA ASP A 31 18.32 0.00 5.22
C ASP A 31 17.02 -0.73 4.87
N PRO A 32 16.58 -0.69 3.60
CA PRO A 32 15.33 -1.39 3.26
C PRO A 32 15.40 -2.89 3.43
N VAL A 33 16.59 -3.47 3.27
CA VAL A 33 16.75 -4.91 3.47
C VAL A 33 16.57 -5.26 4.95
N GLU A 34 17.34 -4.61 5.82
CA GLU A 34 17.28 -4.95 7.24
C GLU A 34 15.91 -4.62 7.83
N LEU A 35 15.34 -3.48 7.44
CA LEU A 35 14.05 -3.10 7.99
C LEU A 35 12.94 -4.01 7.47
N GLY A 36 12.95 -4.31 6.18
CA GLY A 36 11.94 -5.20 5.63
C GLY A 36 12.04 -6.59 6.21
N LYS A 37 13.26 -7.09 6.38
CA LYS A 37 13.45 -8.42 6.98
C LYS A 37 12.94 -8.44 8.42
N PHE A 38 13.23 -7.38 9.19
CA PHE A 38 12.72 -7.30 10.54
C PHE A 38 11.20 -7.37 10.56
N TYR A 39 10.53 -6.52 9.75
CA TYR A 39 9.08 -6.56 9.72
C TYR A 39 8.56 -7.94 9.35
N SER A 40 9.21 -8.59 8.39
CA SER A 40 8.87 -9.96 8.01
C SER A 40 8.94 -10.91 9.20
N GLU A 41 9.88 -10.68 10.11
CA GLU A 41 10.10 -11.61 11.22
C GLU A 41 9.17 -11.34 12.40
N ILE A 42 8.61 -10.13 12.50
CA ILE A 42 7.73 -9.79 13.61
C ILE A 42 6.26 -9.88 13.25
N GLY A 43 5.93 -10.32 12.05
CA GLY A 43 4.56 -10.64 11.70
C GLY A 43 3.88 -9.74 10.68
N ILE A 44 4.58 -8.76 10.09
CA ILE A 44 4.00 -8.00 9.00
C ILE A 44 3.80 -8.93 7.81
N ASP A 45 2.64 -8.81 7.15
CA ASP A 45 2.30 -9.74 6.08
C ASP A 45 2.88 -9.34 4.73
N GLU A 46 2.97 -8.04 4.44
CA GLU A 46 3.53 -7.55 3.18
C GLU A 46 4.12 -6.19 3.45
N LEU A 47 4.94 -5.73 2.52
CA LEU A 47 5.49 -4.39 2.59
C LEU A 47 5.07 -3.61 1.36
N VAL A 48 5.03 -2.29 1.52
CA VAL A 48 4.99 -1.37 0.40
C VAL A 48 6.19 -0.45 0.55
N PHE A 49 6.99 -0.35 -0.51
CA PHE A 49 8.06 0.63 -0.59
C PHE A 49 7.56 1.76 -1.48
N LEU A 50 7.38 2.93 -0.90
CA LEU A 50 6.81 4.08 -1.59
C LEU A 50 7.92 5.11 -1.74
N ASP A 51 8.35 5.35 -2.98
CA ASP A 51 9.30 6.45 -3.19
C ASP A 51 8.52 7.75 -3.12
N ILE A 52 8.78 8.53 -2.07
CA ILE A 52 8.03 9.76 -1.81
C ILE A 52 8.62 10.97 -2.50
N THR A 53 9.80 10.84 -3.10
CA THR A 53 10.33 11.86 -3.99
C THR A 53 9.82 11.62 -5.40
N ALA A 54 9.86 10.37 -5.85
CA ALA A 54 9.28 9.92 -7.11
C ALA A 54 9.89 10.62 -8.32
N SER A 55 11.10 11.18 -8.19
CA SER A 55 11.62 12.07 -9.24
C SER A 55 13.04 11.74 -9.67
N VAL A 56 14.02 12.45 -9.12
CA VAL A 56 15.37 12.46 -9.66
C VAL A 56 16.10 11.19 -9.24
N GLU A 57 16.68 10.48 -10.21
CA GLU A 57 17.38 9.22 -10.01
C GLU A 57 16.49 8.14 -9.41
N LYS A 58 15.20 8.42 -9.24
CA LYS A 58 14.27 7.47 -8.62
C LYS A 58 14.29 6.13 -9.33
N ARG A 59 14.23 6.15 -10.66
CA ARG A 59 14.15 4.93 -11.43
C ARG A 59 15.29 3.97 -11.09
N LYS A 60 16.54 4.41 -11.25
CA LYS A 60 17.69 3.55 -10.96
C LYS A 60 17.73 3.14 -9.48
N THR A 61 17.61 4.10 -8.55
CA THR A 61 17.74 3.75 -7.14
C THR A 61 16.67 2.77 -6.70
N MET A 62 15.46 2.89 -7.24
CA MET A 62 14.41 1.94 -6.88
C MET A 62 14.68 0.55 -7.45
N LEU A 63 15.25 0.49 -8.66
CA LEU A 63 15.64 -0.81 -9.21
C LEU A 63 16.65 -1.51 -8.31
N GLU A 64 17.63 -0.77 -7.81
CA GLU A 64 18.64 -1.37 -6.94
C GLU A 64 18.02 -1.82 -5.63
N LEU A 65 17.11 -1.01 -5.06
CA LEU A 65 16.41 -1.43 -3.85
C LEU A 65 15.67 -2.73 -4.07
N VAL A 66 14.93 -2.82 -5.19
CA VAL A 66 14.18 -4.04 -5.49
C VAL A 66 15.11 -5.24 -5.58
N GLU A 67 16.22 -5.07 -6.29
CA GLU A 67 17.18 -6.17 -6.44
C GLU A 67 17.67 -6.64 -5.09
N LYS A 68 17.99 -5.72 -4.18
CA LYS A 68 18.50 -6.12 -2.87
C LYS A 68 17.40 -6.69 -1.99
N VAL A 69 16.21 -6.08 -2.02
CA VAL A 69 15.13 -6.54 -1.14
C VAL A 69 14.62 -7.90 -1.54
N ALA A 70 14.39 -8.11 -2.85
CA ALA A 70 13.76 -9.34 -3.31
C ALA A 70 14.55 -10.57 -2.89
N GLU A 71 15.88 -10.46 -2.85
CA GLU A 71 16.68 -11.64 -2.56
C GLU A 71 16.78 -11.94 -1.06
N GLN A 72 16.34 -11.03 -0.20
CA GLN A 72 16.51 -11.18 1.24
C GLN A 72 15.22 -11.32 2.02
N ILE A 73 14.09 -10.91 1.50
CA ILE A 73 12.84 -10.95 2.27
C ILE A 73 11.92 -12.01 1.70
N ASP A 74 11.10 -12.57 2.59
CA ASP A 74 10.26 -13.72 2.26
C ASP A 74 8.77 -13.41 2.31
N ILE A 75 8.41 -12.14 2.40
CA ILE A 75 7.00 -11.72 2.30
C ILE A 75 6.87 -10.88 1.05
N PRO A 76 5.66 -10.77 0.51
CA PRO A 76 5.47 -9.96 -0.70
C PRO A 76 5.75 -8.50 -0.44
N PHE A 77 6.26 -7.83 -1.47
CA PHE A 77 6.35 -6.38 -1.42
C PHE A 77 5.88 -5.75 -2.71
N THR A 78 5.31 -4.56 -2.54
CA THR A 78 4.85 -3.70 -3.61
C THR A 78 5.78 -2.50 -3.65
N VAL A 79 6.05 -1.97 -4.82
CA VAL A 79 6.79 -0.72 -4.96
C VAL A 79 5.90 0.38 -5.53
N GLY A 80 5.90 1.44 -5.20
CA GLY A 80 5.11 2.50 -5.80
C GLY A 80 5.84 3.82 -5.71
N GLY A 81 5.26 4.81 -6.40
CA GLY A 81 5.74 6.17 -6.31
C GLY A 81 6.37 6.62 -7.62
N GLY A 82 5.56 7.20 -8.49
CA GLY A 82 6.06 7.71 -9.75
C GLY A 82 6.35 6.66 -10.80
N ILE A 83 5.69 5.50 -10.73
CA ILE A 83 5.77 4.50 -11.80
C ILE A 83 4.90 5.01 -12.93
N HIS A 84 5.53 5.47 -14.01
CA HIS A 84 4.84 6.23 -15.04
C HIS A 84 4.46 5.42 -16.27
N ASP A 85 4.98 4.20 -16.44
CA ASP A 85 4.75 3.52 -17.69
C ASP A 85 4.99 2.03 -17.53
N PHE A 86 4.65 1.29 -18.59
CA PHE A 86 4.75 -0.16 -18.56
C PHE A 86 6.21 -0.61 -18.39
N GLU A 87 7.14 0.04 -19.08
CA GLU A 87 8.53 -0.38 -18.99
C GLU A 87 9.06 -0.27 -17.56
N THR A 88 8.73 0.81 -16.88
CA THR A 88 9.17 0.97 -15.50
C THR A 88 8.59 -0.13 -14.61
N ALA A 89 7.29 -0.39 -14.75
CA ALA A 89 6.66 -1.45 -13.97
C ALA A 89 7.30 -2.79 -14.27
N SER A 90 7.53 -3.07 -15.56
CA SER A 90 8.12 -4.33 -15.98
C SER A 90 9.50 -4.53 -15.36
N GLU A 91 10.34 -3.49 -15.40
CA GLU A 91 11.68 -3.62 -14.85
C GLU A 91 11.62 -3.96 -13.38
N LEU A 92 10.71 -3.33 -12.65
CA LEU A 92 10.62 -3.57 -11.21
C LEU A 92 10.17 -5.00 -10.92
N ILE A 93 9.14 -5.48 -11.62
CA ILE A 93 8.67 -6.83 -11.38
C ILE A 93 9.74 -7.84 -11.77
N LEU A 94 10.39 -7.63 -12.91
CA LEU A 94 11.40 -8.56 -13.37
C LEU A 94 12.56 -8.66 -12.40
N ARG A 95 12.83 -7.59 -11.66
CA ARG A 95 13.90 -7.62 -10.68
C ARG A 95 13.46 -8.17 -9.33
N GLY A 96 12.18 -8.50 -9.17
CA GLY A 96 11.73 -9.18 -7.97
C GLY A 96 10.66 -8.47 -7.18
N ALA A 97 10.18 -7.29 -7.58
CA ALA A 97 9.01 -6.74 -6.92
C ALA A 97 7.84 -7.67 -7.17
N ASP A 98 7.10 -8.00 -6.11
CA ASP A 98 5.94 -8.86 -6.30
C ASP A 98 4.79 -8.09 -6.93
N LYS A 99 4.68 -6.81 -6.63
CA LYS A 99 3.60 -5.99 -7.16
C LYS A 99 4.13 -4.60 -7.39
N VAL A 100 3.49 -3.90 -8.31
CA VAL A 100 3.72 -2.48 -8.49
C VAL A 100 2.43 -1.75 -8.22
N SER A 101 2.55 -0.54 -7.68
CA SER A 101 1.42 0.33 -7.45
C SER A 101 1.47 1.47 -8.45
N ILE A 102 0.38 1.63 -9.21
CA ILE A 102 0.26 2.71 -10.17
C ILE A 102 -0.96 3.52 -9.80
N ASN A 103 -0.89 4.82 -10.07
CA ASN A 103 -1.95 5.73 -9.67
C ASN A 103 -2.17 6.72 -10.78
N THR A 104 -1.40 7.81 -10.78
CA THR A 104 -1.58 8.83 -11.82
C THR A 104 -1.45 8.22 -13.20
N ALA A 105 -0.48 7.34 -13.40
CA ALA A 105 -0.28 6.75 -14.72
C ALA A 105 -1.46 5.86 -15.11
N ALA A 106 -2.09 5.21 -14.14
CA ALA A 106 -3.27 4.41 -14.43
C ALA A 106 -4.45 5.29 -14.83
N VAL A 107 -4.69 6.36 -14.08
CA VAL A 107 -5.79 7.28 -14.41
C VAL A 107 -5.61 7.81 -15.84
N GLU A 108 -4.39 8.14 -16.20
CA GLU A 108 -4.12 8.76 -17.49
C GLU A 108 -4.03 7.76 -18.62
N ASN A 109 -3.90 6.48 -18.31
CA ASN A 109 -3.81 5.43 -19.33
C ASN A 109 -4.32 4.15 -18.70
N PRO A 110 -5.64 3.99 -18.62
CA PRO A 110 -6.18 2.83 -17.88
C PRO A 110 -5.74 1.48 -18.42
N SER A 111 -5.46 1.36 -19.72
CA SER A 111 -5.00 0.08 -20.23
C SER A 111 -3.60 -0.27 -19.75
N LEU A 112 -2.87 0.67 -19.14
CA LEU A 112 -1.64 0.30 -18.47
C LEU A 112 -1.90 -0.79 -17.43
N ILE A 113 -3.01 -0.68 -16.71
CA ILE A 113 -3.42 -1.70 -15.75
C ILE A 113 -3.44 -3.06 -16.42
N THR A 114 -4.16 -3.14 -17.55
CA THR A 114 -4.37 -4.39 -18.25
C THR A 114 -3.05 -4.92 -18.80
N GLN A 115 -2.20 -4.03 -19.30
CA GLN A 115 -0.91 -4.47 -19.85
C GLN A 115 -0.07 -5.14 -18.79
N ILE A 116 0.06 -4.52 -17.61
CA ILE A 116 0.82 -5.16 -16.56
C ILE A 116 0.17 -6.46 -16.15
N ALA A 117 -1.16 -6.47 -16.01
CA ALA A 117 -1.83 -7.69 -15.57
C ALA A 117 -1.66 -8.82 -16.55
N GLN A 118 -1.74 -8.52 -17.85
CA GLN A 118 -1.64 -9.57 -18.84
C GLN A 118 -0.23 -10.16 -18.89
N THR A 119 0.79 -9.33 -18.68
CA THR A 119 2.16 -9.83 -18.76
C THR A 119 2.55 -10.57 -17.48
N PHE A 120 2.22 -9.99 -16.33
CA PHE A 120 2.75 -10.45 -15.05
C PHE A 120 1.69 -11.08 -14.17
N GLY A 121 0.44 -11.09 -14.60
CA GLY A 121 -0.63 -11.55 -13.75
C GLY A 121 -1.30 -10.40 -13.04
N SER A 122 -2.62 -10.49 -12.86
CA SER A 122 -3.35 -9.41 -12.19
C SER A 122 -2.83 -9.15 -10.78
N GLN A 123 -2.34 -10.20 -10.10
CA GLN A 123 -1.90 -9.99 -8.73
C GLN A 123 -0.69 -9.08 -8.64
N ALA A 124 0.01 -8.84 -9.76
CA ALA A 124 1.15 -7.95 -9.75
C ALA A 124 0.76 -6.49 -9.85
N VAL A 125 -0.51 -6.17 -10.08
CA VAL A 125 -0.90 -4.79 -10.32
C VAL A 125 -1.82 -4.31 -9.21
N VAL A 126 -1.30 -3.36 -8.45
CA VAL A 126 -2.05 -2.65 -7.43
C VAL A 126 -2.36 -1.27 -8.00
N VAL A 127 -3.62 -0.90 -8.06
CA VAL A 127 -3.99 0.47 -8.44
C VAL A 127 -4.21 1.23 -7.16
N ALA A 128 -3.35 2.21 -6.93
CA ALA A 128 -3.50 3.11 -5.79
C ALA A 128 -4.48 4.20 -6.20
N ILE A 129 -5.56 4.32 -5.45
CA ILE A 129 -6.56 5.35 -5.65
C ILE A 129 -6.52 6.26 -4.45
N ASP A 130 -6.17 7.51 -4.67
CA ASP A 130 -6.21 8.53 -3.65
C ASP A 130 -7.48 9.31 -3.85
N ALA A 131 -8.27 9.42 -2.80
CA ALA A 131 -9.58 10.06 -2.92
C ALA A 131 -9.81 11.03 -1.77
N LYS A 132 -10.69 11.99 -2.03
CA LYS A 132 -11.19 12.94 -1.06
C LYS A 132 -12.68 13.12 -1.31
N ARG A 133 -13.40 13.44 -0.24
CA ARG A 133 -14.79 13.84 -0.40
C ARG A 133 -14.83 15.31 -0.79
N VAL A 134 -15.41 15.59 -1.95
CA VAL A 134 -15.48 16.93 -2.53
C VAL A 134 -16.95 17.28 -2.60
N ASP A 135 -17.40 18.22 -1.78
CA ASP A 135 -18.81 18.60 -1.74
C ASP A 135 -19.71 17.37 -1.65
N GLY A 136 -19.34 16.43 -0.78
CA GLY A 136 -20.19 15.28 -0.58
C GLY A 136 -20.02 14.13 -1.56
N GLU A 137 -19.08 14.22 -2.49
CA GLU A 137 -18.85 13.15 -3.46
C GLU A 137 -17.40 12.75 -3.44
N PHE A 138 -17.13 11.45 -3.35
CA PHE A 138 -15.75 10.97 -3.39
C PHE A 138 -15.20 11.12 -4.80
N MET A 139 -14.07 11.80 -4.92
CA MET A 139 -13.42 12.06 -6.19
C MET A 139 -11.98 11.57 -6.15
N VAL A 140 -11.49 11.22 -7.32
CA VAL A 140 -10.14 10.69 -7.50
C VAL A 140 -9.17 11.84 -7.70
N PHE A 141 -8.08 11.84 -6.94
CA PHE A 141 -7.04 12.85 -7.04
C PHE A 141 -5.75 12.21 -7.51
N THR A 142 -5.07 12.88 -8.42
CA THR A 142 -3.78 12.42 -8.92
C THR A 142 -2.69 13.44 -8.56
N TYR A 143 -1.45 13.14 -8.93
CA TYR A 143 -0.31 14.01 -8.67
C TYR A 143 -0.18 14.30 -7.18
N SER A 144 -0.05 13.23 -6.40
CA SER A 144 0.11 13.35 -4.95
C SER A 144 -0.98 14.24 -4.33
N GLY A 145 -2.23 14.01 -4.75
CA GLY A 145 -3.35 14.73 -4.18
C GLY A 145 -3.52 16.18 -4.59
N LYS A 146 -2.77 16.64 -5.59
CA LYS A 146 -2.88 18.04 -5.99
C LYS A 146 -3.78 18.25 -7.19
N LYS A 147 -4.28 17.20 -7.83
CA LYS A 147 -5.16 17.35 -8.98
C LYS A 147 -6.45 16.60 -8.71
N ASN A 148 -7.53 17.33 -8.55
CA ASN A 148 -8.85 16.72 -8.61
C ASN A 148 -9.13 16.38 -10.07
N THR A 149 -9.17 15.09 -10.39
CA THR A 149 -9.43 14.67 -11.76
C THR A 149 -10.87 14.90 -12.18
N GLY A 150 -11.77 15.17 -11.23
CA GLY A 150 -13.18 15.18 -11.53
C GLY A 150 -13.79 13.83 -11.81
N ILE A 151 -13.03 12.75 -11.70
CA ILE A 151 -13.54 11.39 -11.87
C ILE A 151 -14.10 10.94 -10.53
N LEU A 152 -15.33 10.44 -10.54
CA LEU A 152 -15.90 9.93 -9.31
C LEU A 152 -15.21 8.64 -8.90
N LEU A 153 -14.92 8.53 -7.60
CA LEU A 153 -14.35 7.31 -7.05
C LEU A 153 -15.17 6.09 -7.46
N ARG A 154 -16.50 6.20 -7.41
CA ARG A 154 -17.36 5.08 -7.77
C ARG A 154 -17.05 4.58 -9.17
N ASP A 155 -16.93 5.50 -10.12
CA ASP A 155 -16.70 5.10 -11.51
C ASP A 155 -15.30 4.53 -11.69
N TRP A 156 -14.30 5.13 -11.04
CA TRP A 156 -12.94 4.66 -11.24
C TRP A 156 -12.74 3.27 -10.63
N VAL A 157 -13.32 3.01 -9.47
CA VAL A 157 -13.20 1.69 -8.87
C VAL A 157 -13.70 0.62 -9.83
N VAL A 158 -14.87 0.84 -10.41
CA VAL A 158 -15.45 -0.14 -11.33
C VAL A 158 -14.55 -0.31 -12.54
N GLU A 159 -14.05 0.80 -13.09
CA GLU A 159 -13.17 0.72 -14.25
C GLU A 159 -11.89 -0.05 -13.92
N VAL A 160 -11.30 0.22 -12.75
CA VAL A 160 -10.04 -0.42 -12.39
C VAL A 160 -10.19 -1.93 -12.36
N GLU A 161 -11.29 -2.42 -11.80
CA GLU A 161 -11.50 -3.85 -11.81
C GLU A 161 -11.71 -4.36 -13.22
N LYS A 162 -12.52 -3.63 -14.02
CA LYS A 162 -12.74 -4.01 -15.42
C LYS A 162 -11.43 -4.12 -16.18
N ARG A 163 -10.47 -3.25 -15.86
CA ARG A 163 -9.18 -3.24 -16.54
C ARG A 163 -8.26 -4.36 -16.09
N GLY A 164 -8.61 -5.10 -15.05
CA GLY A 164 -7.85 -6.25 -14.65
C GLY A 164 -6.90 -6.04 -13.50
N ALA A 165 -7.05 -4.99 -12.72
CA ALA A 165 -6.20 -4.82 -11.55
C ALA A 165 -6.38 -6.00 -10.59
N GLY A 166 -5.34 -6.28 -9.83
CA GLY A 166 -5.44 -7.32 -8.83
C GLY A 166 -5.91 -6.83 -7.48
N GLU A 167 -5.62 -5.58 -7.14
CA GLU A 167 -5.94 -5.04 -5.83
C GLU A 167 -6.07 -3.54 -5.96
N ILE A 168 -6.82 -2.93 -5.04
CA ILE A 168 -6.95 -1.50 -4.96
C ILE A 168 -6.33 -1.05 -3.64
N LEU A 169 -5.41 -0.11 -3.71
CA LEU A 169 -4.82 0.50 -2.52
C LEU A 169 -5.54 1.84 -2.36
N LEU A 170 -6.43 1.92 -1.39
CA LEU A 170 -7.38 3.01 -1.28
C LEU A 170 -6.91 3.94 -0.18
N THR A 171 -6.43 5.12 -0.56
CA THR A 171 -5.88 6.06 0.39
C THR A 171 -6.82 7.23 0.57
N SER A 172 -7.19 7.50 1.81
CA SER A 172 -7.89 8.73 2.14
C SER A 172 -6.84 9.77 2.46
N ILE A 173 -6.58 10.66 1.49
CA ILE A 173 -5.57 11.69 1.66
C ILE A 173 -5.81 12.46 2.94
N ASP A 174 -7.07 12.74 3.22
CA ASP A 174 -7.39 13.67 4.30
C ASP A 174 -7.28 13.04 5.67
N ARG A 175 -7.10 11.71 5.74
CA ARG A 175 -6.76 11.05 7.01
C ARG A 175 -5.30 10.64 7.09
N ASP A 176 -4.61 10.60 5.97
CA ASP A 176 -3.26 10.07 5.91
C ASP A 176 -2.33 10.85 6.86
N GLY A 177 -1.66 10.14 7.75
CA GLY A 177 -0.74 10.72 8.70
C GLY A 177 -1.39 11.34 9.92
N THR A 178 -2.71 11.37 10.00
CA THR A 178 -3.36 12.09 11.08
C THR A 178 -3.49 11.25 12.34
N LYS A 179 -3.33 9.94 12.24
CA LYS A 179 -3.52 9.02 13.37
C LYS A 179 -4.93 9.08 13.92
N SER A 180 -5.87 9.60 13.14
CA SER A 180 -7.25 9.80 13.60
C SER A 180 -8.16 8.64 13.23
N GLY A 181 -7.64 7.63 12.55
CA GLY A 181 -8.45 6.51 12.11
C GLY A 181 -8.53 6.42 10.61
N TYR A 182 -8.74 5.21 10.11
CA TYR A 182 -8.98 5.04 8.69
C TYR A 182 -10.29 5.69 8.29
N ASP A 183 -10.42 5.99 7.02
CA ASP A 183 -11.64 6.56 6.47
C ASP A 183 -12.62 5.41 6.20
N THR A 184 -13.29 4.99 7.27
CA THR A 184 -14.17 3.84 7.14
C THR A 184 -15.37 4.13 6.24
N GLU A 185 -15.83 5.38 6.22
CA GLU A 185 -16.88 5.73 5.27
C GLU A 185 -16.44 5.49 3.84
N MET A 186 -15.20 5.88 3.52
CA MET A 186 -14.69 5.63 2.18
C MET A 186 -14.55 4.15 1.89
N ILE A 187 -14.05 3.39 2.85
CA ILE A 187 -13.87 1.96 2.65
C ILE A 187 -15.22 1.31 2.39
N ARG A 188 -16.23 1.65 3.21
CA ARG A 188 -17.56 1.08 3.06
C ARG A 188 -18.17 1.46 1.73
N PHE A 189 -17.88 2.68 1.27
CA PHE A 189 -18.38 3.14 0.00
C PHE A 189 -17.83 2.30 -1.15
N VAL A 190 -16.54 1.97 -1.08
CA VAL A 190 -15.89 1.24 -2.16
C VAL A 190 -16.22 -0.24 -2.12
N ARG A 191 -16.43 -0.81 -0.93
CA ARG A 191 -16.57 -2.25 -0.79
C ARG A 191 -17.58 -2.89 -1.72
N PRO A 192 -18.81 -2.38 -1.87
CA PRO A 192 -19.77 -3.04 -2.75
C PRO A 192 -19.49 -2.85 -4.22
N LEU A 193 -18.55 -1.98 -4.56
CA LEU A 193 -18.28 -1.65 -5.96
C LEU A 193 -17.25 -2.55 -6.60
N THR A 194 -16.55 -3.38 -5.83
CA THR A 194 -15.48 -4.19 -6.38
C THR A 194 -15.39 -5.49 -5.61
N THR A 195 -14.97 -6.53 -6.32
CA THR A 195 -14.65 -7.81 -5.71
C THR A 195 -13.17 -7.92 -5.38
N LEU A 196 -12.37 -6.93 -5.75
CA LEU A 196 -10.94 -7.02 -5.56
C LEU A 196 -10.58 -6.79 -4.11
N PRO A 197 -9.45 -7.31 -3.68
CA PRO A 197 -8.95 -6.95 -2.34
C PRO A 197 -8.72 -5.44 -2.25
N ILE A 198 -9.19 -4.87 -1.17
CA ILE A 198 -9.01 -3.46 -0.86
C ILE A 198 -7.98 -3.34 0.24
N ILE A 199 -6.89 -2.64 -0.04
CA ILE A 199 -5.91 -2.28 0.97
C ILE A 199 -6.28 -0.89 1.43
N ALA A 200 -6.73 -0.76 2.67
CA ALA A 200 -7.06 0.54 3.20
C ALA A 200 -5.79 1.23 3.67
N SER A 201 -5.68 2.52 3.39
CA SER A 201 -4.48 3.26 3.75
C SER A 201 -4.80 4.68 4.17
N GLY A 202 -4.15 5.09 5.25
CA GLY A 202 -4.18 6.46 5.70
C GLY A 202 -5.05 6.65 6.92
N GLY A 203 -4.42 7.01 8.03
CA GLY A 203 -5.13 7.36 9.24
C GLY A 203 -4.85 6.46 10.43
N ALA A 204 -4.23 5.30 10.26
CA ALA A 204 -4.06 4.40 11.39
C ALA A 204 -3.32 5.08 12.52
N GLY A 205 -3.86 4.95 13.74
CA GLY A 205 -3.24 5.53 14.92
C GLY A 205 -3.20 4.56 16.09
N LYS A 206 -4.16 3.63 16.15
CA LYS A 206 -4.24 2.70 17.27
C LYS A 206 -4.85 1.40 16.79
N MET A 207 -4.70 0.34 17.61
CA MET A 207 -5.15 -0.99 17.19
C MET A 207 -6.61 -0.99 16.78
N GLU A 208 -7.47 -0.30 17.53
CA GLU A 208 -8.89 -0.32 17.22
C GLU A 208 -9.18 0.22 15.83
N HIS A 209 -8.33 1.14 15.32
CA HIS A 209 -8.56 1.66 13.98
C HIS A 209 -8.48 0.55 12.95
N PHE A 210 -7.56 -0.38 13.15
CA PHE A 210 -7.44 -1.51 12.24
C PHE A 210 -8.71 -2.35 12.26
N LEU A 211 -9.25 -2.60 13.46
CA LEU A 211 -10.49 -3.36 13.54
C LEU A 211 -11.59 -2.68 12.74
N GLU A 212 -11.72 -1.36 12.89
CA GLU A 212 -12.77 -0.65 12.16
C GLU A 212 -12.57 -0.74 10.65
N ALA A 213 -11.30 -0.67 10.19
CA ALA A 213 -11.06 -0.78 8.75
C ALA A 213 -11.51 -2.13 8.23
N PHE A 214 -11.19 -3.20 8.96
CA PHE A 214 -11.62 -4.52 8.54
C PHE A 214 -13.13 -4.69 8.61
N LEU A 215 -13.75 -4.14 9.66
CA LEU A 215 -15.22 -4.22 9.73
C LEU A 215 -15.88 -3.45 8.60
N ALA A 216 -15.21 -2.42 8.08
CA ALA A 216 -15.74 -1.66 6.95
C ALA A 216 -15.57 -2.38 5.63
N GLY A 217 -14.81 -3.47 5.61
CA GLY A 217 -14.66 -4.26 4.40
C GLY A 217 -13.26 -4.33 3.85
N ALA A 218 -12.26 -3.70 4.47
CA ALA A 218 -10.91 -3.80 3.94
C ALA A 218 -10.45 -5.24 4.00
N ASP A 219 -9.63 -5.61 3.03
CA ASP A 219 -8.95 -6.89 3.06
C ASP A 219 -7.54 -6.81 3.59
N ALA A 220 -6.96 -5.61 3.57
CA ALA A 220 -5.66 -5.39 4.15
C ALA A 220 -5.67 -3.98 4.72
N ALA A 221 -4.84 -3.77 5.73
CA ALA A 221 -4.65 -2.47 6.33
C ALA A 221 -3.20 -2.08 6.18
N LEU A 222 -2.97 -1.01 5.45
CA LEU A 222 -1.64 -0.45 5.26
C LEU A 222 -1.44 0.68 6.26
N ALA A 223 -0.25 0.76 6.82
CA ALA A 223 0.06 1.87 7.71
C ALA A 223 1.52 2.21 7.58
N ALA A 224 1.79 3.51 7.66
CA ALA A 224 3.13 4.04 7.67
C ALA A 224 3.47 4.56 9.06
N SER A 225 2.76 5.59 9.54
CA SER A 225 3.13 6.27 10.78
C SER A 225 3.26 5.32 11.97
N VAL A 226 2.27 4.45 12.18
CA VAL A 226 2.29 3.69 13.43
C VAL A 226 3.47 2.71 13.47
N PHE A 227 3.98 2.29 12.32
CA PHE A 227 5.17 1.46 12.31
C PHE A 227 6.43 2.32 12.23
N HIS A 228 6.40 3.38 11.43
CA HIS A 228 7.53 4.29 11.31
C HIS A 228 7.90 4.90 12.64
N PHE A 229 6.90 5.41 13.38
CA PHE A 229 7.12 6.03 14.68
C PHE A 229 7.07 5.03 15.84
N ARG A 230 6.99 3.73 15.54
CA ARG A 230 6.97 2.67 16.56
C ARG A 230 5.87 2.89 17.60
N GLU A 231 4.64 3.05 17.13
CA GLU A 231 3.49 3.33 17.97
C GLU A 231 2.60 2.11 18.22
N ILE A 232 2.72 1.07 17.41
CA ILE A 232 1.88 -0.12 17.54
C ILE A 232 2.77 -1.34 17.38
N ASP A 233 2.55 -2.34 18.24
CA ASP A 233 3.25 -3.62 18.13
C ASP A 233 2.46 -4.55 17.23
N VAL A 234 3.15 -5.17 16.27
CA VAL A 234 2.46 -5.95 15.25
C VAL A 234 1.81 -7.19 15.85
N ARG A 235 2.55 -7.91 16.70
CA ARG A 235 1.97 -9.11 17.31
C ARG A 235 0.78 -8.76 18.19
N GLU A 236 0.91 -7.72 19.01
CA GLU A 236 -0.21 -7.31 19.84
C GLU A 236 -1.43 -6.95 18.99
N LEU A 237 -1.20 -6.23 17.88
CA LEU A 237 -2.28 -5.87 16.97
C LEU A 237 -2.97 -7.09 16.40
N LYS A 238 -2.20 -8.04 15.88
CA LYS A 238 -2.81 -9.22 15.28
C LYS A 238 -3.58 -10.04 16.31
N GLU A 239 -3.05 -10.17 17.53
CA GLU A 239 -3.77 -10.91 18.56
C GLU A 239 -5.11 -10.25 18.86
N TYR A 240 -5.11 -8.92 18.98
CA TYR A 240 -6.36 -8.20 19.22
C TYR A 240 -7.34 -8.42 18.07
N LEU A 241 -6.86 -8.31 16.83
CA LEU A 241 -7.74 -8.47 15.68
C LEU A 241 -8.31 -9.87 15.61
N LYS A 242 -7.48 -10.88 15.84
CA LYS A 242 -7.97 -12.26 15.81
C LYS A 242 -9.01 -12.48 16.88
N LYS A 243 -8.82 -11.89 18.07
CA LYS A 243 -9.78 -12.00 19.15
C LYS A 243 -11.13 -11.42 18.75
N HIS A 244 -11.14 -10.44 17.85
CA HIS A 244 -12.37 -9.80 17.41
C HIS A 244 -12.87 -10.35 16.06
N GLY A 245 -12.42 -11.54 15.68
CA GLY A 245 -12.97 -12.23 14.54
C GLY A 245 -12.31 -11.93 13.20
N VAL A 246 -11.30 -11.08 13.16
CA VAL A 246 -10.66 -10.73 11.90
C VAL A 246 -9.64 -11.81 11.54
N ASN A 247 -9.69 -12.28 10.29
CA ASN A 247 -8.91 -13.43 9.86
C ASN A 247 -7.46 -13.06 9.50
N VAL A 248 -6.74 -12.55 10.49
CA VAL A 248 -5.31 -12.32 10.34
C VAL A 248 -4.55 -13.61 10.56
N ARG A 249 -3.31 -13.63 10.06
CA ARG A 249 -2.43 -14.78 10.18
C ARG A 249 -1.58 -14.62 11.43
N LEU A 250 -1.72 -15.56 12.37
CA LEU A 250 -0.92 -15.54 13.59
C LEU A 250 0.32 -16.41 13.48
N GLU A 251 0.42 -17.24 12.43
CA GLU A 251 1.61 -18.04 12.18
C GLU A 251 2.87 -17.18 12.26
N GLY A 252 3.90 -17.72 12.90
CA GLY A 252 5.19 -17.08 12.93
C GLY A 252 5.33 -15.94 13.92
N LEU A 253 4.29 -15.60 14.67
CA LEU A 253 4.39 -14.56 15.67
C LEU A 253 5.08 -15.09 16.93
P PO4 B . -0.34 6.56 7.67
O1 PO4 B . -0.39 5.24 8.43
O2 PO4 B . 0.87 7.34 8.11
O3 PO4 B . -1.59 7.36 7.96
O4 PO4 B . -0.25 6.27 6.19
P PO4 C . 2.03 8.21 -8.95
O1 PO4 C . 1.86 6.72 -9.14
O2 PO4 C . 2.86 8.48 -7.72
O3 PO4 C . 0.67 8.85 -8.79
O4 PO4 C . 2.72 8.79 -10.16
#